data_4UAF
#
_entry.id   4UAF
#
_cell.length_a   77.131
_cell.length_b   90.188
_cell.length_c   100.772
_cell.angle_alpha   90.00
_cell.angle_beta   90.00
_cell.angle_gamma   90.00
#
_symmetry.space_group_name_H-M   'P 21 21 21'
#
loop_
_entity.id
_entity.type
_entity.pdbx_description
1 polymer 'Importin subunit alpha-1'
2 polymer 'Polymerase basic protein 2'
3 non-polymer 'PHOSPHATE ION'
4 water water
#
loop_
_entity_poly.entity_id
_entity_poly.type
_entity_poly.pdbx_seq_one_letter_code
_entity_poly.pdbx_strand_id
1 'polypeptide(L)'
;MADIGSNQGTVNWSVEDIVKGINSNNLESQLQATQAARKLLSREKQPPIDNIIRAGLIPKFVSFLGKTDCSPIQFESAWA
LTNIASGTSEQTKAVVDGGAIPAFISLLASPHAHISEQAVWALGNIAGDGSAFRDLVIKHGAIDPLLALLAVPDLSTLAC
GYLRNLTWTLSNLCRNKNPAPPLDAVEQILPTLVRLLHHNDPEVLADSCWAISYLTDGPNERIEMVVKKGVVPQLVKLLG
ATELPIVTPALRAIGNIVTGTDEQTQKVIDAGALAVFPSLLTNPKTNIQKEATWTMSNITAGRQDQIQQVVNHGLVPFLV
GVLSKADFKTQKEAAWAITNYTSGGTVEQIVYLVHCGIIEPLMNLLSAKDTKIIQVILDAISNIFQAAEKLGETEKLSIM
IEECGGLDKIEALQRHENESVYKASLNLIEKYFSVEEEEDQNVVPETTSEGFAFQVQDGAPGTFNF
;
B
2 'polypeptide(L)'
;GPLGSDPDESTSGVESAVLRGFLILGKEDRRYGPALSINELSNLAKGEKANVLIGQGDVVLVMKRKRDSSILTDSQTATK
RIRMAIN
;
E
#
# COMPACT_ATOMS: atom_id res chain seq x y z
N GLY A 9 36.35 -21.89 -16.39
CA GLY A 9 36.11 -23.32 -16.49
C GLY A 9 34.62 -23.64 -16.64
N THR A 10 33.80 -22.94 -15.87
CA THR A 10 32.34 -23.13 -15.95
C THR A 10 31.67 -21.91 -16.58
N VAL A 11 32.46 -21.08 -17.25
CA VAL A 11 31.95 -19.86 -17.86
C VAL A 11 31.52 -20.12 -19.31
N ASN A 12 30.34 -19.59 -19.65
CA ASN A 12 29.82 -19.60 -21.03
C ASN A 12 29.58 -20.99 -21.61
N TRP A 13 29.01 -21.89 -20.82
CA TRP A 13 28.62 -23.20 -21.36
C TRP A 13 27.33 -23.07 -22.15
N SER A 14 27.18 -23.93 -23.16
CA SER A 14 25.89 -24.07 -23.83
C SER A 14 24.95 -24.86 -22.93
N VAL A 15 23.64 -24.72 -23.15
CA VAL A 15 22.67 -25.50 -22.39
C VAL A 15 22.87 -26.99 -22.66
N GLU A 16 23.25 -27.32 -23.89
CA GLU A 16 23.48 -28.70 -24.28
C GLU A 16 24.59 -29.33 -23.43
N ASP A 17 25.67 -28.59 -23.21
CA ASP A 17 26.78 -29.07 -22.38
C ASP A 17 26.39 -29.21 -20.91
N ILE A 18 25.56 -28.28 -20.44
CA ILE A 18 25.08 -28.34 -19.07
C ILE A 18 24.26 -29.61 -18.86
N VAL A 19 23.38 -29.90 -19.80
CA VAL A 19 22.58 -31.12 -19.75
C VAL A 19 23.47 -32.35 -19.75
N LYS A 20 24.48 -32.37 -20.61
CA LYS A 20 25.39 -33.50 -20.70
C LYS A 20 26.07 -33.74 -19.34
N GLY A 21 26.52 -32.66 -18.71
CA GLY A 21 27.21 -32.79 -17.43
C GLY A 21 26.28 -33.24 -16.32
N ILE A 22 25.07 -32.70 -16.31
CA ILE A 22 24.14 -32.97 -15.22
C ILE A 22 23.65 -34.42 -15.31
N ASN A 23 23.57 -34.95 -16.53
CA ASN A 23 23.19 -36.35 -16.75
C ASN A 23 24.32 -37.34 -16.61
N SER A 24 25.53 -36.86 -16.30
CA SER A 24 26.67 -37.78 -16.17
C SER A 24 26.52 -38.59 -14.89
N ASN A 25 27.18 -39.72 -14.81
CA ASN A 25 27.12 -40.48 -13.57
C ASN A 25 28.31 -40.13 -12.68
N ASN A 26 28.44 -38.86 -12.36
CA ASN A 26 29.65 -38.35 -11.71
C ASN A 26 29.28 -37.07 -10.97
N LEU A 27 29.27 -37.11 -9.64
CA LEU A 27 28.75 -35.99 -8.86
C LEU A 27 29.59 -34.74 -9.06
N GLU A 28 30.89 -34.92 -9.27
CA GLU A 28 31.76 -33.76 -9.52
C GLU A 28 31.45 -33.15 -10.89
N SER A 29 31.27 -33.98 -11.92
CA SER A 29 30.81 -33.45 -13.20
C SER A 29 29.45 -32.74 -13.08
N GLN A 30 28.55 -33.30 -12.28
CA GLN A 30 27.25 -32.68 -12.08
C GLN A 30 27.39 -31.33 -11.39
N LEU A 31 28.30 -31.25 -10.42
CA LEU A 31 28.53 -29.99 -9.72
C LEU A 31 29.04 -28.92 -10.69
N GLN A 32 30.00 -29.27 -11.53
CA GLN A 32 30.58 -28.31 -12.46
C GLN A 32 29.51 -27.80 -13.44
N ALA A 33 28.65 -28.71 -13.90
CA ALA A 33 27.56 -28.35 -14.81
C ALA A 33 26.53 -27.48 -14.13
N THR A 34 26.26 -27.75 -12.86
CA THR A 34 25.28 -26.94 -12.12
C THR A 34 25.85 -25.54 -11.89
N GLN A 35 27.14 -25.45 -11.60
CA GLN A 35 27.77 -24.16 -11.47
C GLN A 35 27.73 -23.40 -12.80
N ALA A 36 27.93 -24.12 -13.91
CA ALA A 36 27.83 -23.52 -15.24
C ALA A 36 26.43 -22.95 -15.47
N ALA A 37 25.41 -23.69 -15.03
CA ALA A 37 24.03 -23.20 -15.12
C ALA A 37 23.82 -21.95 -14.25
N ARG A 38 24.34 -21.97 -13.03
CA ARG A 38 24.23 -20.81 -12.15
C ARG A 38 24.85 -19.58 -12.82
N LYS A 39 26.00 -19.78 -13.47
CA LYS A 39 26.67 -18.65 -14.09
C LYS A 39 25.88 -18.12 -15.26
N LEU A 40 25.33 -19.02 -16.07
CA LEU A 40 24.47 -18.64 -17.18
C LEU A 40 23.28 -17.82 -16.68
N LEU A 41 22.70 -18.25 -15.55
CA LEU A 41 21.50 -17.62 -15.02
C LEU A 41 21.76 -16.34 -14.21
N SER A 42 23.03 -16.01 -13.97
CA SER A 42 23.34 -14.86 -13.11
C SER A 42 24.24 -13.80 -13.75
N ARG A 43 24.76 -14.05 -14.95
CA ARG A 43 25.77 -13.14 -15.47
C ARG A 43 25.27 -12.24 -16.59
N GLU A 44 23.96 -12.19 -16.79
CA GLU A 44 23.43 -11.39 -17.88
C GLU A 44 21.97 -11.01 -17.70
N LYS A 45 21.52 -10.11 -18.57
CA LYS A 45 20.10 -9.87 -18.78
C LYS A 45 19.88 -9.85 -20.29
N GLN A 46 18.98 -10.69 -20.77
CA GLN A 46 18.17 -11.55 -19.92
C GLN A 46 18.69 -12.99 -19.91
N PRO A 47 18.76 -13.60 -18.70
CA PRO A 47 19.24 -14.97 -18.62
C PRO A 47 18.26 -15.91 -19.29
N PRO A 48 18.77 -16.98 -19.91
CA PRO A 48 17.94 -17.91 -20.70
C PRO A 48 17.15 -18.87 -19.82
N ILE A 49 16.29 -18.32 -18.95
CA ILE A 49 15.48 -19.14 -18.04
C ILE A 49 14.65 -20.19 -18.79
N ASP A 50 13.95 -19.77 -19.85
CA ASP A 50 13.10 -20.71 -20.58
C ASP A 50 13.87 -21.86 -21.22
N ASN A 51 15.06 -21.58 -21.75
CA ASN A 51 15.89 -22.65 -22.30
C ASN A 51 16.30 -23.67 -21.24
N ILE A 52 16.59 -23.19 -20.03
CA ILE A 52 16.96 -24.07 -18.93
C ILE A 52 15.74 -24.92 -18.52
N ILE A 53 14.57 -24.30 -18.46
CA ILE A 53 13.36 -25.05 -18.10
C ILE A 53 13.05 -26.11 -19.15
N ARG A 54 13.12 -25.69 -20.41
CA ARG A 54 12.85 -26.54 -21.57
C ARG A 54 13.79 -27.74 -21.60
N ALA A 55 15.01 -27.54 -21.12
CA ALA A 55 16.01 -28.60 -21.11
C ALA A 55 15.69 -29.68 -20.07
N GLY A 56 14.67 -29.45 -19.26
CA GLY A 56 14.25 -30.40 -18.23
C GLY A 56 15.13 -30.41 -16.99
N LEU A 57 15.83 -29.31 -16.72
CA LEU A 57 16.79 -29.29 -15.63
C LEU A 57 16.22 -29.07 -14.22
N ILE A 58 15.01 -28.54 -14.10
CA ILE A 58 14.53 -28.19 -12.76
C ILE A 58 14.45 -29.39 -11.80
N PRO A 59 13.90 -30.53 -12.24
CA PRO A 59 13.89 -31.68 -11.31
C PRO A 59 15.28 -32.11 -10.84
N LYS A 60 16.29 -32.01 -11.71
CA LYS A 60 17.65 -32.35 -11.29
C LYS A 60 18.14 -31.36 -10.23
N PHE A 61 17.95 -30.07 -10.47
CA PHE A 61 18.36 -29.04 -9.52
C PHE A 61 17.67 -29.28 -8.18
N VAL A 62 16.38 -29.63 -8.20
CA VAL A 62 15.67 -29.86 -6.95
C VAL A 62 16.25 -31.07 -6.20
N SER A 63 16.59 -32.13 -6.91
CA SER A 63 17.23 -33.28 -6.28
C SER A 63 18.58 -32.88 -5.64
N PHE A 64 19.31 -31.97 -6.28
CA PHE A 64 20.60 -31.54 -5.74
C PHE A 64 20.46 -30.73 -4.43
N LEU A 65 19.32 -30.10 -4.22
CA LEU A 65 19.07 -29.37 -2.97
C LEU A 65 19.16 -30.29 -1.76
N GLY A 66 18.89 -31.57 -1.97
CA GLY A 66 18.90 -32.53 -0.88
C GLY A 66 20.21 -33.23 -0.64
N LYS A 67 21.26 -32.86 -1.38
CA LYS A 67 22.55 -33.55 -1.25
C LYS A 67 23.39 -32.97 -0.11
N THR A 68 23.01 -33.36 1.12
CA THR A 68 23.64 -32.86 2.33
C THR A 68 25.15 -33.13 2.36
N ASP A 69 25.56 -34.22 1.73
CA ASP A 69 26.97 -34.56 1.69
C ASP A 69 27.77 -33.80 0.64
N CYS A 70 27.10 -32.99 -0.16
CA CYS A 70 27.77 -32.15 -1.15
C CYS A 70 27.22 -30.74 -1.10
N SER A 71 27.56 -30.01 -0.04
CA SER A 71 27.01 -28.67 0.13
C SER A 71 27.27 -27.72 -1.07
N PRO A 72 28.43 -27.84 -1.77
CA PRO A 72 28.57 -26.95 -2.94
C PRO A 72 27.48 -27.11 -3.99
N ILE A 73 27.03 -28.34 -4.25
CA ILE A 73 26.00 -28.49 -5.27
C ILE A 73 24.64 -28.06 -4.72
N GLN A 74 24.45 -28.14 -3.41
CA GLN A 74 23.23 -27.55 -2.83
C GLN A 74 23.20 -26.04 -3.09
N PHE A 75 24.34 -25.38 -2.90
CA PHE A 75 24.41 -23.93 -3.11
C PHE A 75 24.17 -23.56 -4.56
N GLU A 76 24.88 -24.22 -5.47
CA GLU A 76 24.78 -23.87 -6.88
C GLU A 76 23.35 -24.11 -7.40
N SER A 77 22.73 -25.20 -7.00
CA SER A 77 21.36 -25.46 -7.43
CA SER A 77 21.35 -25.47 -7.42
C SER A 77 20.38 -24.48 -6.79
N ALA A 78 20.62 -24.11 -5.54
CA ALA A 78 19.73 -23.16 -4.87
C ALA A 78 19.78 -21.80 -5.59
N TRP A 79 20.98 -21.39 -5.98
CA TRP A 79 21.13 -20.13 -6.68
C TRP A 79 20.48 -20.21 -8.06
N ALA A 80 20.72 -21.29 -8.78
CA ALA A 80 20.10 -21.44 -10.11
C ALA A 80 18.57 -21.40 -10.01
N LEU A 81 18.02 -22.13 -9.06
CA LEU A 81 16.56 -22.18 -8.90
C LEU A 81 15.98 -20.84 -8.42
N THR A 82 16.74 -20.12 -7.59
CA THR A 82 16.34 -18.77 -7.18
C THR A 82 16.11 -17.87 -8.39
N ASN A 83 17.02 -17.95 -9.35
CA ASN A 83 16.95 -17.06 -10.48
C ASN A 83 15.86 -17.49 -11.45
N ILE A 84 15.64 -18.79 -11.57
CA ILE A 84 14.52 -19.24 -12.38
C ILE A 84 13.23 -18.74 -11.73
N ALA A 85 13.13 -18.88 -10.40
CA ALA A 85 11.92 -18.48 -9.68
C ALA A 85 11.71 -16.96 -9.66
N SER A 86 12.74 -16.19 -10.02
CA SER A 86 12.65 -14.73 -10.02
C SER A 86 11.91 -14.19 -11.24
N GLY A 87 11.54 -15.08 -12.16
CA GLY A 87 10.97 -14.67 -13.42
C GLY A 87 9.46 -14.51 -13.41
N THR A 88 8.83 -14.93 -14.51
CA THR A 88 7.39 -14.85 -14.67
C THR A 88 6.67 -15.84 -13.75
N SER A 89 5.35 -15.71 -13.65
CA SER A 89 4.57 -16.66 -12.87
C SER A 89 4.75 -18.09 -13.39
N GLU A 90 4.79 -18.25 -14.72
CA GLU A 90 5.01 -19.59 -15.30
C GLU A 90 6.37 -20.14 -14.91
N GLN A 91 7.38 -19.27 -14.87
CA GLN A 91 8.72 -19.72 -14.50
C GLN A 91 8.79 -20.08 -13.02
N THR A 92 8.19 -19.27 -12.16
CA THR A 92 8.12 -19.62 -10.74
C THR A 92 7.32 -20.92 -10.54
N LYS A 93 6.23 -21.07 -11.29
CA LYS A 93 5.43 -22.30 -11.18
C LYS A 93 6.25 -23.54 -11.53
N ALA A 94 7.14 -23.44 -12.53
CA ALA A 94 7.94 -24.59 -12.91
C ALA A 94 8.82 -25.03 -11.74
N VAL A 95 9.33 -24.06 -10.98
CA VAL A 95 10.14 -24.38 -9.83
C VAL A 95 9.31 -25.07 -8.73
N VAL A 96 8.14 -24.52 -8.42
CA VAL A 96 7.24 -25.12 -7.44
C VAL A 96 6.82 -26.53 -7.88
N ASP A 97 6.52 -26.67 -9.17
CA ASP A 97 6.04 -27.95 -9.71
C ASP A 97 7.11 -29.03 -9.62
N GLY A 98 8.38 -28.63 -9.56
CA GLY A 98 9.46 -29.60 -9.42
C GLY A 98 9.68 -30.05 -7.98
N GLY A 99 8.87 -29.54 -7.05
CA GLY A 99 8.96 -29.94 -5.65
C GLY A 99 9.94 -29.09 -4.83
N ALA A 100 10.23 -27.89 -5.31
CA ALA A 100 11.26 -27.08 -4.64
C ALA A 100 10.86 -26.56 -3.26
N ILE A 101 9.57 -26.37 -2.98
CA ILE A 101 9.22 -25.72 -1.72
C ILE A 101 9.70 -26.51 -0.49
N PRO A 102 9.33 -27.81 -0.38
CA PRO A 102 9.82 -28.47 0.83
C PRO A 102 11.34 -28.66 0.82
N ALA A 103 11.93 -28.76 -0.37
CA ALA A 103 13.38 -28.91 -0.45
C ALA A 103 14.10 -27.66 0.06
N PHE A 104 13.57 -26.48 -0.28
CA PHE A 104 14.15 -25.24 0.21
C PHE A 104 13.90 -25.07 1.70
N ILE A 105 12.73 -25.49 2.19
CA ILE A 105 12.48 -25.37 3.62
C ILE A 105 13.44 -26.25 4.41
N SER A 106 13.73 -27.44 3.90
CA SER A 106 14.72 -28.30 4.55
C SER A 106 16.09 -27.65 4.56
N LEU A 107 16.41 -26.91 3.50
CA LEU A 107 17.74 -26.31 3.37
C LEU A 107 17.92 -25.11 4.32
N LEU A 108 16.83 -24.58 4.88
CA LEU A 108 16.97 -23.50 5.86
C LEU A 108 17.81 -23.93 7.06
N ALA A 109 17.88 -25.24 7.30
CA ALA A 109 18.61 -25.80 8.43
C ALA A 109 20.08 -26.06 8.13
N SER A 110 20.55 -25.68 6.94
CA SER A 110 21.93 -25.90 6.55
C SER A 110 22.89 -25.28 7.55
N PRO A 111 23.97 -25.99 7.90
CA PRO A 111 24.95 -25.39 8.80
C PRO A 111 25.75 -24.29 8.09
N HIS A 112 25.61 -24.19 6.77
CA HIS A 112 26.27 -23.13 6.00
C HIS A 112 25.35 -21.95 5.82
N ALA A 113 25.74 -20.80 6.36
CA ALA A 113 24.91 -19.60 6.26
C ALA A 113 24.67 -19.16 4.83
N HIS A 114 25.65 -19.31 3.94
CA HIS A 114 25.43 -18.83 2.58
C HIS A 114 24.43 -19.72 1.85
N ILE A 115 24.26 -20.95 2.32
CA ILE A 115 23.31 -21.87 1.72
C ILE A 115 21.91 -21.64 2.30
N SER A 116 21.81 -21.50 3.61
CA SER A 116 20.51 -21.20 4.21
CA SER A 116 20.53 -21.18 4.25
C SER A 116 19.99 -19.87 3.67
N GLU A 117 20.88 -18.90 3.52
CA GLU A 117 20.51 -17.60 2.93
C GLU A 117 19.92 -17.75 1.54
N GLN A 118 20.52 -18.61 0.72
CA GLN A 118 20.00 -18.77 -0.63
C GLN A 118 18.61 -19.42 -0.64
N ALA A 119 18.36 -20.32 0.31
CA ALA A 119 17.05 -20.93 0.46
C ALA A 119 16.01 -19.89 0.90
N VAL A 120 16.40 -19.02 1.83
CA VAL A 120 15.53 -17.90 2.23
C VAL A 120 15.13 -17.09 1.01
N TRP A 121 16.12 -16.76 0.19
CA TRP A 121 15.92 -15.94 -1.00
C TRP A 121 14.96 -16.63 -1.97
N ALA A 122 15.20 -17.92 -2.21
CA ALA A 122 14.34 -18.66 -3.13
C ALA A 122 12.90 -18.68 -2.66
N LEU A 123 12.70 -18.90 -1.36
CA LEU A 123 11.36 -18.92 -0.79
C LEU A 123 10.68 -17.55 -0.91
N GLY A 124 11.45 -16.48 -0.78
CA GLY A 124 10.92 -15.14 -1.00
C GLY A 124 10.42 -14.94 -2.42
N ASN A 125 11.16 -15.45 -3.41
CA ASN A 125 10.70 -15.33 -4.81
C ASN A 125 9.42 -16.12 -5.05
N ILE A 126 9.35 -17.31 -4.47
CA ILE A 126 8.16 -18.14 -4.64
C ILE A 126 6.94 -17.48 -3.99
N ALA A 127 7.08 -17.05 -2.75
CA ALA A 127 5.99 -16.37 -2.05
C ALA A 127 5.60 -15.06 -2.75
N GLY A 128 6.59 -14.42 -3.35
CA GLY A 128 6.38 -13.15 -4.04
C GLY A 128 5.52 -13.26 -5.27
N ASP A 129 5.33 -14.48 -5.78
CA ASP A 129 4.54 -14.65 -6.97
C ASP A 129 3.08 -14.27 -6.75
N GLY A 130 2.57 -14.46 -5.54
CA GLY A 130 1.16 -14.18 -5.31
C GLY A 130 0.62 -14.93 -4.12
N SER A 131 -0.66 -14.71 -3.83
CA SER A 131 -1.25 -15.23 -2.60
C SER A 131 -1.24 -16.76 -2.54
N ALA A 132 -1.45 -17.43 -3.68
CA ALA A 132 -1.53 -18.90 -3.68
C ALA A 132 -0.19 -19.53 -3.30
N PHE A 133 0.89 -19.08 -3.94
CA PHE A 133 2.20 -19.63 -3.61
C PHE A 133 2.67 -19.15 -2.22
N ARG A 134 2.33 -17.91 -1.86
CA ARG A 134 2.59 -17.45 -0.49
C ARG A 134 1.99 -18.42 0.52
N ASP A 135 0.71 -18.74 0.34
CA ASP A 135 0.02 -19.60 1.29
C ASP A 135 0.55 -21.05 1.21
N LEU A 136 1.02 -21.45 0.05
CA LEU A 136 1.58 -22.81 -0.09
C LEU A 136 2.92 -22.93 0.65
N VAL A 137 3.73 -21.88 0.58
CA VAL A 137 5.00 -21.84 1.31
C VAL A 137 4.68 -21.92 2.82
N ILE A 138 3.67 -21.17 3.25
CA ILE A 138 3.27 -21.23 4.65
C ILE A 138 2.78 -22.64 5.04
N LYS A 139 1.96 -23.27 4.19
CA LYS A 139 1.46 -24.61 4.53
C LYS A 139 2.58 -25.65 4.65
N HIS A 140 3.63 -25.49 3.86
CA HIS A 140 4.76 -26.43 3.92
C HIS A 140 5.63 -26.17 5.17
N GLY A 141 5.29 -25.15 5.93
CA GLY A 141 5.90 -24.94 7.25
C GLY A 141 7.12 -24.03 7.25
N ALA A 142 7.16 -23.06 6.36
CA ALA A 142 8.35 -22.20 6.26
C ALA A 142 8.52 -21.23 7.44
N ILE A 143 7.43 -20.82 8.08
CA ILE A 143 7.54 -19.72 9.03
C ILE A 143 8.39 -20.10 10.26
N ASP A 144 8.15 -21.28 10.85
CA ASP A 144 8.91 -21.65 12.06
C ASP A 144 10.44 -21.60 11.82
N PRO A 145 10.97 -22.28 10.77
CA PRO A 145 12.43 -22.21 10.62
C PRO A 145 12.95 -20.84 10.18
N LEU A 146 12.16 -20.08 9.41
CA LEU A 146 12.58 -18.72 9.06
C LEU A 146 12.75 -17.88 10.32
N LEU A 147 11.74 -17.93 11.20
CA LEU A 147 11.80 -17.12 12.41
C LEU A 147 12.90 -17.60 13.34
N ALA A 148 13.21 -18.89 13.29
CA ALA A 148 14.27 -19.44 14.14
C ALA A 148 15.64 -18.89 13.74
N LEU A 149 15.80 -18.53 12.47
CA LEU A 149 17.07 -17.95 12.00
C LEU A 149 17.33 -16.57 12.60
N LEU A 150 16.26 -15.93 13.06
CA LEU A 150 16.33 -14.60 13.65
C LEU A 150 16.35 -14.62 15.18
N ALA A 151 16.33 -15.82 15.75
CA ALA A 151 16.23 -15.97 17.20
C ALA A 151 17.61 -15.83 17.85
N VAL A 152 18.15 -14.63 17.78
CA VAL A 152 19.43 -14.31 18.40
C VAL A 152 19.21 -13.09 19.29
N PRO A 153 20.04 -12.92 20.32
CA PRO A 153 19.73 -11.80 21.24
C PRO A 153 19.96 -10.42 20.62
N ASP A 154 20.90 -10.30 19.70
CA ASP A 154 21.16 -9.01 19.06
C ASP A 154 21.26 -9.20 17.55
N LEU A 155 20.29 -8.67 16.80
CA LEU A 155 20.26 -8.83 15.35
C LEU A 155 21.54 -8.35 14.67
N SER A 156 22.25 -7.44 15.32
CA SER A 156 23.46 -6.88 14.73
C SER A 156 24.58 -7.91 14.58
N THR A 157 24.46 -9.07 15.23
CA THR A 157 25.49 -10.09 15.10
C THR A 157 25.35 -10.86 13.78
N LEU A 158 24.18 -10.80 13.17
CA LEU A 158 23.96 -11.46 11.89
C LEU A 158 24.63 -10.70 10.76
N ALA A 159 25.06 -11.42 9.72
CA ALA A 159 25.56 -10.75 8.51
C ALA A 159 24.44 -9.88 7.95
N CYS A 160 24.80 -8.66 7.53
CA CYS A 160 23.81 -7.70 7.06
C CYS A 160 22.99 -8.22 5.88
N GLY A 161 23.66 -8.75 4.86
CA GLY A 161 22.95 -9.27 3.70
C GLY A 161 21.98 -10.39 4.04
N TYR A 162 22.42 -11.26 4.96
CA TYR A 162 21.63 -12.36 5.47
C TYR A 162 20.34 -11.86 6.13
N LEU A 163 20.49 -10.88 7.02
CA LEU A 163 19.34 -10.30 7.71
C LEU A 163 18.42 -9.58 6.73
N ARG A 164 19.00 -8.91 5.73
CA ARG A 164 18.18 -8.20 4.75
C ARG A 164 17.34 -9.20 3.95
N ASN A 165 17.94 -10.30 3.56
CA ASN A 165 17.20 -11.31 2.81
C ASN A 165 16.09 -11.95 3.63
N LEU A 166 16.35 -12.23 4.90
CA LEU A 166 15.31 -12.78 5.77
C LEU A 166 14.15 -11.81 5.92
N THR A 167 14.47 -10.52 6.10
CA THR A 167 13.43 -9.50 6.27
C THR A 167 12.59 -9.39 5.01
N TRP A 168 13.25 -9.42 3.86
CA TRP A 168 12.54 -9.31 2.58
C TRP A 168 11.60 -10.50 2.39
N THR A 169 12.10 -11.71 2.63
CA THR A 169 11.25 -12.90 2.49
C THR A 169 10.07 -12.85 3.45
N LEU A 170 10.30 -12.47 4.71
CA LEU A 170 9.17 -12.36 5.63
C LEU A 170 8.15 -11.34 5.13
N SER A 171 8.63 -10.26 4.51
CA SER A 171 7.69 -9.25 4.01
C SER A 171 6.84 -9.81 2.87
N ASN A 172 7.40 -10.69 2.05
CA ASN A 172 6.60 -11.31 1.00
C ASN A 172 5.59 -12.30 1.56
N LEU A 173 5.86 -12.89 2.73
CA LEU A 173 4.87 -13.77 3.35
C LEU A 173 3.71 -12.95 3.96
N CYS A 174 3.91 -11.64 4.09
CA CYS A 174 2.87 -10.71 4.55
C CYS A 174 2.11 -10.03 3.43
N ARG A 175 2.56 -10.23 2.20
CA ARG A 175 2.10 -9.44 1.06
C ARG A 175 0.88 -10.03 0.36
N ASN A 176 0.10 -9.16 -0.29
CA ASN A 176 -1.08 -9.49 -1.10
C ASN A 176 -2.34 -9.73 -0.26
N LYS A 177 -3.50 -9.35 -0.78
CA LYS A 177 -4.68 -9.33 0.07
C LYS A 177 -5.92 -9.94 -0.55
N ASN A 178 -5.73 -10.77 -1.58
CA ASN A 178 -6.86 -11.50 -2.14
C ASN A 178 -6.56 -12.99 -2.31
N PRO A 179 -6.56 -13.75 -1.21
CA PRO A 179 -6.88 -13.31 0.15
C PRO A 179 -5.66 -12.81 0.91
N ALA A 180 -5.92 -12.19 2.06
CA ALA A 180 -4.87 -11.83 3.00
C ALA A 180 -4.24 -13.10 3.57
N PRO A 181 -3.02 -13.00 4.10
CA PRO A 181 -2.36 -14.18 4.69
C PRO A 181 -3.17 -14.72 5.86
N PRO A 182 -3.01 -16.01 6.19
CA PRO A 182 -3.79 -16.58 7.29
C PRO A 182 -3.55 -15.83 8.59
N LEU A 183 -4.61 -15.62 9.38
CA LEU A 183 -4.50 -14.86 10.63
C LEU A 183 -3.42 -15.43 11.53
N ASP A 184 -3.37 -16.77 11.63
CA ASP A 184 -2.39 -17.42 12.51
C ASP A 184 -0.96 -17.15 12.06
N ALA A 185 -0.74 -17.09 10.75
CA ALA A 185 0.58 -16.80 10.21
C ALA A 185 1.00 -15.38 10.53
N VAL A 186 0.06 -14.44 10.39
CA VAL A 186 0.35 -13.04 10.69
C VAL A 186 0.68 -12.91 12.18
N GLU A 187 -0.08 -13.59 13.03
CA GLU A 187 0.15 -13.51 14.48
C GLU A 187 1.52 -14.07 14.84
N GLN A 188 1.95 -15.09 14.09
CA GLN A 188 3.25 -15.69 14.35
C GLN A 188 4.40 -14.79 13.91
N ILE A 189 4.23 -14.10 12.80
CA ILE A 189 5.28 -13.25 12.22
C ILE A 189 5.37 -11.87 12.86
N LEU A 190 4.24 -11.30 13.28
CA LEU A 190 4.25 -9.91 13.79
C LEU A 190 5.30 -9.58 14.87
N PRO A 191 5.47 -10.44 15.90
CA PRO A 191 6.46 -10.07 16.93
C PRO A 191 7.87 -9.93 16.40
N THR A 192 8.20 -10.67 15.35
CA THR A 192 9.52 -10.57 14.73
C THR A 192 9.60 -9.30 13.90
N LEU A 193 8.50 -8.96 13.20
CA LEU A 193 8.46 -7.70 12.46
C LEU A 193 8.66 -6.50 13.37
N VAL A 194 8.05 -6.55 14.55
CA VAL A 194 8.17 -5.44 15.51
C VAL A 194 9.65 -5.24 15.83
N ARG A 195 10.35 -6.34 16.06
CA ARG A 195 11.77 -6.27 16.34
C ARG A 195 12.60 -5.71 15.16
N LEU A 196 12.27 -6.13 13.94
CA LEU A 196 13.01 -5.68 12.77
C LEU A 196 12.78 -4.20 12.51
N LEU A 197 11.59 -3.73 12.89
CA LEU A 197 11.26 -2.31 12.74
C LEU A 197 12.13 -1.40 13.61
N HIS A 198 12.83 -1.98 14.59
CA HIS A 198 13.73 -1.22 15.45
C HIS A 198 15.20 -1.48 15.13
N HIS A 199 15.46 -2.20 14.05
CA HIS A 199 16.83 -2.51 13.66
C HIS A 199 17.44 -1.43 12.78
N ASN A 200 18.64 -0.98 13.13
CA ASN A 200 19.25 0.13 12.40
C ASN A 200 19.97 -0.28 11.11
N ASP A 201 19.21 -0.75 10.13
CA ASP A 201 19.74 -0.89 8.78
C ASP A 201 18.66 -0.38 7.83
N PRO A 202 19.04 0.50 6.89
CA PRO A 202 18.01 1.14 6.06
C PRO A 202 17.20 0.16 5.22
N GLU A 203 17.78 -0.95 4.75
CA GLU A 203 16.98 -1.87 3.94
C GLU A 203 16.09 -2.75 4.81
N VAL A 204 16.58 -3.16 5.97
CA VAL A 204 15.75 -3.91 6.92
C VAL A 204 14.55 -3.05 7.34
N LEU A 205 14.81 -1.78 7.64
CA LEU A 205 13.73 -0.86 8.01
C LEU A 205 12.74 -0.69 6.87
N ALA A 206 13.23 -0.48 5.65
CA ALA A 206 12.34 -0.35 4.49
C ALA A 206 11.44 -1.58 4.34
N ASP A 207 12.03 -2.78 4.33
CA ASP A 207 11.23 -3.97 4.06
C ASP A 207 10.30 -4.34 5.22
N SER A 208 10.68 -4.03 6.46
CA SER A 208 9.75 -4.28 7.56
CA SER A 208 9.79 -4.20 7.62
C SER A 208 8.59 -3.28 7.52
N CYS A 209 8.86 -2.04 7.11
CA CYS A 209 7.78 -1.08 6.86
C CYS A 209 6.87 -1.56 5.73
N TRP A 210 7.45 -2.09 4.66
CA TRP A 210 6.60 -2.65 3.60
C TRP A 210 5.71 -3.74 4.17
N ALA A 211 6.27 -4.63 4.98
CA ALA A 211 5.47 -5.71 5.57
C ALA A 211 4.29 -5.14 6.35
N ILE A 212 4.54 -4.11 7.16
CA ILE A 212 3.47 -3.50 7.94
C ILE A 212 2.45 -2.82 7.02
N SER A 213 2.92 -2.20 5.94
CA SER A 213 2.00 -1.58 4.98
C SER A 213 1.07 -2.64 4.34
N TYR A 214 1.58 -3.84 4.09
CA TYR A 214 0.71 -4.90 3.56
C TYR A 214 -0.30 -5.35 4.60
N LEU A 215 0.16 -5.51 5.83
CA LEU A 215 -0.70 -6.05 6.88
C LEU A 215 -1.82 -5.09 7.28
N THR A 216 -1.61 -3.79 7.07
CA THR A 216 -2.63 -2.81 7.39
C THR A 216 -3.54 -2.49 6.22
N ASP A 217 -3.28 -3.13 5.08
CA ASP A 217 -4.05 -2.90 3.86
C ASP A 217 -5.20 -3.91 3.78
N GLY A 218 -6.30 -3.58 4.44
CA GLY A 218 -7.42 -4.49 4.53
C GLY A 218 -8.46 -3.99 5.54
N PRO A 219 -9.36 -4.88 5.95
CA PRO A 219 -10.43 -4.56 6.91
C PRO A 219 -9.88 -4.04 8.23
N ASN A 220 -10.70 -3.31 8.97
CA ASN A 220 -10.22 -2.70 10.20
C ASN A 220 -9.72 -3.73 11.23
N GLU A 221 -10.23 -4.96 11.14
CA GLU A 221 -9.75 -6.03 12.01
C GLU A 221 -8.27 -6.34 11.77
N ARG A 222 -7.82 -6.27 10.52
CA ARG A 222 -6.41 -6.47 10.20
C ARG A 222 -5.58 -5.29 10.72
N ILE A 223 -6.10 -4.08 10.57
CA ILE A 223 -5.43 -2.90 11.10
C ILE A 223 -5.23 -3.07 12.61
N GLU A 224 -6.27 -3.53 13.29
CA GLU A 224 -6.23 -3.62 14.75
C GLU A 224 -5.11 -4.55 15.24
N MET A 225 -4.90 -5.65 14.51
CA MET A 225 -3.84 -6.60 14.88
C MET A 225 -2.47 -5.90 14.94
N VAL A 226 -2.26 -5.00 14.00
CA VAL A 226 -0.99 -4.29 13.91
C VAL A 226 -0.90 -3.19 14.96
N VAL A 227 -1.96 -2.39 15.09
CA VAL A 227 -1.95 -1.30 16.04
C VAL A 227 -1.76 -1.82 17.48
N LYS A 228 -2.33 -2.99 17.77
CA LYS A 228 -2.24 -3.57 19.12
C LYS A 228 -0.82 -3.97 19.49
N LYS A 229 0.04 -4.10 18.48
CA LYS A 229 1.43 -4.48 18.72
C LYS A 229 2.26 -3.28 19.16
N GLY A 230 1.65 -2.10 19.13
CA GLY A 230 2.27 -0.89 19.62
C GLY A 230 3.25 -0.22 18.66
N VAL A 231 3.17 -0.55 17.37
CA VAL A 231 4.15 -0.06 16.41
C VAL A 231 3.88 1.33 15.82
N VAL A 232 2.73 1.92 16.09
CA VAL A 232 2.44 3.22 15.46
C VAL A 232 3.47 4.32 15.79
N PRO A 233 3.90 4.44 17.06
CA PRO A 233 4.95 5.46 17.28
C PRO A 233 6.24 5.21 16.49
N GLN A 234 6.64 3.96 16.32
CA GLN A 234 7.85 3.68 15.53
C GLN A 234 7.62 3.99 14.05
N LEU A 235 6.42 3.68 13.54
CA LEU A 235 6.08 4.07 12.17
C LEU A 235 6.18 5.58 11.98
N VAL A 236 5.71 6.34 12.97
CA VAL A 236 5.79 7.79 12.88
C VAL A 236 7.24 8.28 12.89
N LYS A 237 8.10 7.62 13.69
CA LYS A 237 9.51 7.96 13.66
C LYS A 237 10.10 7.74 12.26
N LEU A 238 9.76 6.61 11.65
CA LEU A 238 10.30 6.28 10.33
C LEU A 238 9.72 7.17 9.24
N LEU A 239 8.52 7.69 9.48
CA LEU A 239 7.87 8.63 8.57
C LEU A 239 8.74 9.89 8.39
N GLY A 240 9.52 10.20 9.42
CA GLY A 240 10.43 11.33 9.35
C GLY A 240 11.86 10.99 8.96
N ALA A 241 12.08 9.79 8.44
CA ALA A 241 13.42 9.40 7.99
C ALA A 241 13.85 10.22 6.78
N THR A 242 15.15 10.29 6.55
CA THR A 242 15.67 11.03 5.40
C THR A 242 15.66 10.18 4.13
N GLU A 243 15.62 8.86 4.28
CA GLU A 243 15.65 8.01 3.10
C GLU A 243 14.24 7.76 2.57
N LEU A 244 14.03 8.15 1.32
CA LEU A 244 12.75 7.93 0.65
C LEU A 244 12.30 6.45 0.66
N PRO A 245 13.23 5.48 0.54
CA PRO A 245 12.75 4.09 0.56
C PRO A 245 12.15 3.65 1.90
N ILE A 246 12.40 4.42 2.95
CA ILE A 246 11.78 4.15 4.25
C ILE A 246 10.50 4.95 4.42
N VAL A 247 10.54 6.23 4.05
CA VAL A 247 9.37 7.09 4.18
C VAL A 247 8.19 6.54 3.38
N THR A 248 8.45 6.05 2.17
CA THR A 248 7.39 5.58 1.29
C THR A 248 6.50 4.49 1.95
N PRO A 249 7.08 3.37 2.44
CA PRO A 249 6.19 2.37 3.06
C PRO A 249 5.66 2.78 4.43
N ALA A 250 6.43 3.58 5.18
CA ALA A 250 5.95 4.08 6.46
C ALA A 250 4.69 4.94 6.24
N LEU A 251 4.73 5.79 5.23
CA LEU A 251 3.57 6.62 4.93
C LEU A 251 2.37 5.79 4.42
N ARG A 252 2.64 4.77 3.60
CA ARG A 252 1.54 3.90 3.17
C ARG A 252 0.89 3.20 4.37
N ALA A 253 1.71 2.72 5.30
CA ALA A 253 1.19 2.06 6.51
C ALA A 253 0.36 3.02 7.36
N ILE A 254 0.88 4.23 7.59
CA ILE A 254 0.14 5.25 8.33
C ILE A 254 -1.16 5.60 7.62
N GLY A 255 -1.10 5.78 6.30
CA GLY A 255 -2.30 6.07 5.52
C GLY A 255 -3.32 4.95 5.63
N ASN A 256 -2.87 3.71 5.58
CA ASN A 256 -3.77 2.57 5.72
C ASN A 256 -4.45 2.58 7.08
N ILE A 257 -3.70 2.88 8.13
CA ILE A 257 -4.28 2.84 9.47
C ILE A 257 -5.41 3.87 9.60
N VAL A 258 -5.25 5.06 9.03
CA VAL A 258 -6.30 6.07 9.22
C VAL A 258 -7.51 5.87 8.29
N THR A 259 -7.49 4.83 7.46
CA THR A 259 -8.71 4.41 6.77
C THR A 259 -9.66 3.70 7.74
N GLY A 260 -9.14 3.40 8.92
CA GLY A 260 -9.86 2.59 9.89
C GLY A 260 -10.81 3.39 10.77
N THR A 261 -11.07 2.86 11.97
CA THR A 261 -11.99 3.51 12.89
C THR A 261 -11.45 4.85 13.41
N ASP A 262 -12.34 5.64 14.01
CA ASP A 262 -11.91 6.91 14.60
C ASP A 262 -10.87 6.66 15.70
N GLU A 263 -11.01 5.53 16.41
CA GLU A 263 -10.07 5.17 17.46
C GLU A 263 -8.70 4.76 16.92
N GLN A 264 -8.69 4.04 15.79
CA GLN A 264 -7.43 3.67 15.17
C GLN A 264 -6.74 4.92 14.62
N THR A 265 -7.52 5.80 14.01
CA THR A 265 -7.01 7.07 13.50
C THR A 265 -6.40 7.90 14.64
N GLN A 266 -7.05 7.87 15.80
CA GLN A 266 -6.54 8.61 16.95
C GLN A 266 -5.14 8.13 17.39
N LYS A 267 -4.85 6.85 17.23
CA LYS A 267 -3.53 6.34 17.61
C LYS A 267 -2.43 7.01 16.79
N VAL A 268 -2.73 7.27 15.52
CA VAL A 268 -1.79 7.90 14.62
C VAL A 268 -1.56 9.36 15.04
N ILE A 269 -2.64 10.07 15.34
CA ILE A 269 -2.55 11.45 15.82
C ILE A 269 -1.81 11.51 17.16
N ASP A 270 -2.19 10.64 18.10
CA ASP A 270 -1.54 10.59 19.41
C ASP A 270 -0.03 10.40 19.31
N ALA A 271 0.39 9.62 18.31
CA ALA A 271 1.81 9.31 18.13
C ALA A 271 2.58 10.47 17.53
N GLY A 272 1.88 11.54 17.16
CA GLY A 272 2.51 12.75 16.67
C GLY A 272 2.72 12.80 15.17
N ALA A 273 1.98 11.99 14.43
CA ALA A 273 2.16 11.94 12.97
C ALA A 273 1.98 13.30 12.29
N LEU A 274 1.08 14.15 12.82
CA LEU A 274 0.74 15.36 12.09
C LEU A 274 1.91 16.34 11.98
N ALA A 275 2.86 16.26 12.91
CA ALA A 275 3.99 17.18 12.91
C ALA A 275 4.92 16.97 11.70
N VAL A 276 4.84 15.80 11.08
CA VAL A 276 5.65 15.45 9.91
C VAL A 276 5.02 15.96 8.61
N PHE A 277 3.74 16.28 8.66
CA PHE A 277 3.03 16.52 7.41
C PHE A 277 3.34 17.86 6.70
N PRO A 278 3.88 18.88 7.39
CA PRO A 278 4.31 20.03 6.59
C PRO A 278 5.35 19.64 5.53
N SER A 279 6.26 18.74 5.89
CA SER A 279 7.25 18.27 4.94
C SER A 279 6.66 17.28 3.93
N LEU A 280 5.80 16.38 4.38
CA LEU A 280 5.23 15.38 3.47
C LEU A 280 4.34 16.04 2.42
N LEU A 281 3.56 17.03 2.83
CA LEU A 281 2.65 17.70 1.92
C LEU A 281 3.36 18.65 0.95
N THR A 282 4.67 18.84 1.14
CA THR A 282 5.45 19.63 0.19
C THR A 282 6.62 18.82 -0.39
N ASN A 283 6.56 17.49 -0.24
CA ASN A 283 7.64 16.61 -0.67
C ASN A 283 7.84 16.63 -2.17
N PRO A 284 9.10 16.73 -2.61
CA PRO A 284 9.40 16.79 -4.05
C PRO A 284 9.11 15.46 -4.77
N LYS A 285 8.91 14.37 -4.04
CA LYS A 285 8.49 13.11 -4.68
C LYS A 285 6.98 13.13 -4.83
N THR A 286 6.50 13.17 -6.07
CA THR A 286 5.06 13.28 -6.33
C THR A 286 4.19 12.26 -5.57
N ASN A 287 4.61 10.99 -5.59
CA ASN A 287 3.82 9.96 -4.93
C ASN A 287 3.74 10.15 -3.39
N ILE A 288 4.76 10.77 -2.80
CA ILE A 288 4.72 11.04 -1.36
C ILE A 288 3.67 12.10 -1.09
N GLN A 289 3.70 13.18 -1.87
CA GLN A 289 2.69 14.23 -1.72
C GLN A 289 1.28 13.68 -1.89
N LYS A 290 1.10 12.82 -2.90
CA LYS A 290 -0.20 12.24 -3.16
C LYS A 290 -0.70 11.40 -1.98
N GLU A 291 0.15 10.49 -1.49
CA GLU A 291 -0.29 9.63 -0.38
C GLU A 291 -0.43 10.39 0.93
N ALA A 292 0.38 11.43 1.13
CA ALA A 292 0.22 12.29 2.30
C ALA A 292 -1.10 13.02 2.27
N THR A 293 -1.50 13.48 1.08
CA THR A 293 -2.75 14.22 0.97
C THR A 293 -3.97 13.27 1.11
N TRP A 294 -3.86 12.07 0.53
CA TRP A 294 -4.82 11.00 0.76
C TRP A 294 -4.98 10.71 2.25
N THR A 295 -3.86 10.58 2.95
CA THR A 295 -3.89 10.36 4.38
C THR A 295 -4.63 11.49 5.10
N MET A 296 -4.33 12.73 4.72
CA MET A 296 -5.01 13.87 5.32
C MET A 296 -6.51 13.80 5.07
N SER A 297 -6.91 13.35 3.88
CA SER A 297 -8.34 13.29 3.57
C SER A 297 -9.07 12.31 4.46
N ASN A 298 -8.41 11.22 4.86
CA ASN A 298 -9.04 10.27 5.74
C ASN A 298 -9.02 10.73 7.20
N ILE A 299 -8.06 11.57 7.56
CA ILE A 299 -8.09 12.16 8.89
C ILE A 299 -9.20 13.21 8.98
N THR A 300 -9.40 14.02 7.93
CA THR A 300 -10.45 15.05 8.00
C THR A 300 -11.85 14.44 7.84
N ALA A 301 -11.89 13.14 7.54
CA ALA A 301 -13.14 12.38 7.58
C ALA A 301 -13.41 11.91 9.00
N GLY A 302 -12.55 12.30 9.93
CA GLY A 302 -12.71 11.91 11.33
C GLY A 302 -13.59 12.82 12.18
N ARG A 303 -13.39 12.71 13.50
CA ARG A 303 -14.17 13.47 14.47
C ARG A 303 -13.79 14.95 14.49
N GLN A 304 -14.65 15.78 15.06
CA GLN A 304 -14.34 17.21 15.13
C GLN A 304 -13.06 17.48 15.92
N ASP A 305 -12.77 16.68 16.93
CA ASP A 305 -11.53 16.86 17.69
C ASP A 305 -10.31 16.47 16.85
N GLN A 306 -10.50 15.59 15.87
CA GLN A 306 -9.40 15.21 14.99
C GLN A 306 -9.18 16.28 13.92
N ILE A 307 -10.27 16.80 13.38
CA ILE A 307 -10.18 17.99 12.52
C ILE A 307 -9.46 19.13 13.25
N GLN A 308 -9.76 19.30 14.54
CA GLN A 308 -9.12 20.38 15.31
C GLN A 308 -7.60 20.18 15.42
N GLN A 309 -7.16 18.92 15.49
CA GLN A 309 -5.72 18.64 15.53
C GLN A 309 -5.04 19.01 14.21
N VAL A 310 -5.74 18.78 13.11
CA VAL A 310 -5.26 19.20 11.79
C VAL A 310 -5.07 20.72 11.78
N VAL A 311 -6.07 21.42 12.29
CA VAL A 311 -6.00 22.87 12.43
C VAL A 311 -4.82 23.29 13.31
N ASN A 312 -4.71 22.70 14.50
CA ASN A 312 -3.68 23.12 15.46
C ASN A 312 -2.26 22.92 14.96
N HIS A 313 -2.04 21.87 14.17
CA HIS A 313 -0.71 21.59 13.61
C HIS A 313 -0.41 22.45 12.39
N GLY A 314 -1.32 23.36 12.07
CA GLY A 314 -1.08 24.32 11.01
C GLY A 314 -1.17 23.68 9.63
N LEU A 315 -1.96 22.62 9.50
CA LEU A 315 -1.96 21.89 8.23
C LEU A 315 -2.98 22.43 7.23
N VAL A 316 -3.89 23.30 7.65
CA VAL A 316 -4.87 23.78 6.70
C VAL A 316 -4.19 24.64 5.59
N PRO A 317 -3.24 25.54 5.96
CA PRO A 317 -2.50 26.24 4.89
C PRO A 317 -1.79 25.28 3.93
N PHE A 318 -1.31 24.16 4.42
CA PHE A 318 -0.69 23.20 3.50
C PHE A 318 -1.71 22.55 2.56
N LEU A 319 -2.93 22.31 3.04
CA LEU A 319 -3.95 21.78 2.15
C LEU A 319 -4.35 22.84 1.12
N VAL A 320 -4.39 24.11 1.52
CA VAL A 320 -4.64 25.18 0.57
C VAL A 320 -3.54 25.18 -0.49
N GLY A 321 -2.30 24.98 -0.06
CA GLY A 321 -1.18 24.94 -0.98
C GLY A 321 -1.28 23.82 -1.99
N VAL A 322 -1.59 22.62 -1.53
CA VAL A 322 -1.70 21.49 -2.44
C VAL A 322 -2.86 21.69 -3.40
N LEU A 323 -3.97 22.22 -2.90
CA LEU A 323 -5.09 22.49 -3.77
C LEU A 323 -4.70 23.52 -4.83
N SER A 324 -3.85 24.49 -4.46
CA SER A 324 -3.43 25.54 -5.39
C SER A 324 -2.48 25.04 -6.48
N LYS A 325 -1.56 24.16 -6.11
CA LYS A 325 -0.53 23.71 -7.04
C LYS A 325 -0.01 22.36 -6.62
N ALA A 326 -0.30 21.36 -7.45
CA ALA A 326 0.21 20.01 -7.28
C ALA A 326 -0.18 19.23 -8.52
N ASP A 327 0.34 18.01 -8.62
CA ASP A 327 -0.14 17.08 -9.64
C ASP A 327 -1.66 16.94 -9.52
N PHE A 328 -2.37 16.83 -10.64
CA PHE A 328 -3.83 16.79 -10.56
C PHE A 328 -4.35 15.70 -9.61
N LYS A 329 -3.74 14.53 -9.62
CA LYS A 329 -4.25 13.46 -8.76
C LYS A 329 -4.07 13.81 -7.28
N THR A 330 -3.04 14.58 -6.98
CA THR A 330 -2.84 15.09 -5.64
C THR A 330 -3.85 16.18 -5.31
N GLN A 331 -4.15 17.05 -6.27
CA GLN A 331 -5.19 18.05 -6.07
C GLN A 331 -6.54 17.41 -5.80
N LYS A 332 -6.81 16.29 -6.46
CA LYS A 332 -8.06 15.57 -6.26
C LYS A 332 -8.12 15.03 -4.82
N GLU A 333 -7.00 14.54 -4.31
CA GLU A 333 -6.95 14.10 -2.91
C GLU A 333 -7.18 15.28 -1.98
N ALA A 334 -6.64 16.45 -2.34
CA ALA A 334 -6.84 17.64 -1.51
C ALA A 334 -8.31 18.03 -1.50
N ALA A 335 -8.98 17.90 -2.65
CA ALA A 335 -10.39 18.25 -2.72
C ALA A 335 -11.19 17.32 -1.83
N TRP A 336 -10.83 16.04 -1.83
CA TRP A 336 -11.46 15.09 -0.93
C TRP A 336 -11.24 15.50 0.53
N ALA A 337 -10.04 15.94 0.86
CA ALA A 337 -9.75 16.40 2.22
C ALA A 337 -10.69 17.56 2.61
N ILE A 338 -10.96 18.44 1.65
CA ILE A 338 -11.81 19.59 1.93
C ILE A 338 -13.31 19.24 2.03
N THR A 339 -13.84 18.38 1.16
CA THR A 339 -15.23 17.99 1.35
C THR A 339 -15.39 17.24 2.68
N ASN A 340 -14.40 16.43 3.07
CA ASN A 340 -14.53 15.69 4.32
C ASN A 340 -14.46 16.63 5.53
N TYR A 341 -13.52 17.56 5.50
CA TYR A 341 -13.40 18.60 6.54
C TYR A 341 -14.70 19.38 6.70
N THR A 342 -15.26 19.85 5.59
CA THR A 342 -16.44 20.71 5.66
C THR A 342 -17.70 19.89 5.99
N SER A 343 -17.70 18.60 5.70
CA SER A 343 -18.83 17.76 6.08
C SER A 343 -18.86 17.52 7.60
N GLY A 344 -17.69 17.35 8.20
CA GLY A 344 -17.64 16.99 9.61
C GLY A 344 -17.32 18.12 10.58
N GLY A 345 -16.82 19.22 10.03
CA GLY A 345 -16.32 20.31 10.86
C GLY A 345 -17.36 21.19 11.54
N THR A 346 -16.92 21.90 12.57
CA THR A 346 -17.76 22.90 13.22
C THR A 346 -17.84 24.12 12.34
N VAL A 347 -18.80 24.99 12.63
CA VAL A 347 -18.91 26.26 11.93
C VAL A 347 -17.59 27.04 12.04
N GLU A 348 -17.03 27.08 13.24
CA GLU A 348 -15.76 27.78 13.48
C GLU A 348 -14.62 27.19 12.65
N GLN A 349 -14.56 25.87 12.58
CA GLN A 349 -13.54 25.20 11.78
C GLN A 349 -13.69 25.56 10.30
N ILE A 350 -14.93 25.64 9.84
CA ILE A 350 -15.20 25.98 8.45
C ILE A 350 -14.86 27.46 8.15
N VAL A 351 -15.23 28.36 9.06
CA VAL A 351 -14.83 29.77 8.93
C VAL A 351 -13.30 29.89 8.83
N TYR A 352 -12.61 29.16 9.69
CA TYR A 352 -11.15 29.15 9.67
C TYR A 352 -10.60 28.70 8.30
N LEU A 353 -11.20 27.67 7.73
CA LEU A 353 -10.79 27.17 6.43
C LEU A 353 -10.92 28.24 5.34
N VAL A 354 -12.00 29.01 5.37
CA VAL A 354 -12.19 30.07 4.39
C VAL A 354 -11.17 31.19 4.61
N HIS A 355 -10.89 31.48 5.87
CA HIS A 355 -9.90 32.52 6.19
C HIS A 355 -8.49 32.12 5.72
N CYS A 356 -8.23 30.82 5.59
CA CYS A 356 -6.93 30.36 5.11
C CYS A 356 -6.80 30.45 3.59
N GLY A 357 -7.90 30.77 2.92
CA GLY A 357 -7.87 31.01 1.49
C GLY A 357 -8.32 29.84 0.64
N ILE A 358 -9.23 29.01 1.16
CA ILE A 358 -9.60 27.81 0.41
C ILE A 358 -10.43 28.10 -0.85
N ILE A 359 -11.15 29.22 -0.88
CA ILE A 359 -12.17 29.39 -1.90
C ILE A 359 -11.60 29.53 -3.31
N GLU A 360 -10.60 30.38 -3.51
CA GLU A 360 -10.08 30.58 -4.87
C GLU A 360 -9.52 29.29 -5.51
N PRO A 361 -8.61 28.56 -4.82
CA PRO A 361 -8.11 27.34 -5.47
C PRO A 361 -9.19 26.27 -5.66
N LEU A 362 -10.17 26.27 -4.76
CA LEU A 362 -11.29 25.33 -4.89
C LEU A 362 -12.08 25.66 -6.15
N MET A 363 -12.36 26.94 -6.36
CA MET A 363 -13.13 27.36 -7.54
C MET A 363 -12.35 27.11 -8.82
N ASN A 364 -11.04 27.33 -8.78
CA ASN A 364 -10.20 27.14 -9.96
C ASN A 364 -10.23 25.70 -10.48
N LEU A 365 -10.44 24.74 -9.58
CA LEU A 365 -10.50 23.33 -9.99
C LEU A 365 -11.83 22.90 -10.61
N LEU A 366 -12.82 23.80 -10.61
CA LEU A 366 -14.12 23.48 -11.18
C LEU A 366 -14.07 23.44 -12.71
N SER A 367 -12.92 23.76 -13.27
CA SER A 367 -12.74 23.65 -14.71
C SER A 367 -12.11 22.31 -15.10
N ALA A 368 -11.81 21.48 -14.10
CA ALA A 368 -11.20 20.17 -14.34
C ALA A 368 -12.11 19.29 -15.18
N LYS A 369 -11.50 18.42 -16.00
CA LYS A 369 -12.26 17.46 -16.80
C LYS A 369 -12.44 16.15 -16.04
N ASP A 370 -12.87 16.25 -14.79
CA ASP A 370 -13.06 15.08 -13.94
C ASP A 370 -14.36 15.22 -13.16
N THR A 371 -15.32 14.35 -13.44
CA THR A 371 -16.65 14.48 -12.87
C THR A 371 -16.61 14.34 -11.35
N LYS A 372 -15.82 13.38 -10.87
CA LYS A 372 -15.74 13.15 -9.42
C LYS A 372 -15.23 14.36 -8.63
N ILE A 373 -14.18 15.03 -9.11
CA ILE A 373 -13.67 16.16 -8.34
C ILE A 373 -14.68 17.30 -8.37
N ILE A 374 -15.48 17.37 -9.44
CA ILE A 374 -16.53 18.38 -9.53
C ILE A 374 -17.59 18.13 -8.47
N GLN A 375 -18.04 16.88 -8.36
CA GLN A 375 -19.00 16.49 -7.33
C GLN A 375 -18.46 16.76 -5.94
N VAL A 376 -17.19 16.45 -5.74
CA VAL A 376 -16.53 16.66 -4.46
C VAL A 376 -16.49 18.14 -4.10
N ILE A 377 -16.11 18.98 -5.06
CA ILE A 377 -16.00 20.42 -4.80
C ILE A 377 -17.37 21.07 -4.58
N LEU A 378 -18.34 20.71 -5.41
CA LEU A 378 -19.70 21.26 -5.24
C LEU A 378 -20.27 20.89 -3.86
N ASP A 379 -19.96 19.70 -3.38
CA ASP A 379 -20.36 19.28 -2.04
C ASP A 379 -19.67 20.14 -0.98
N ALA A 380 -18.37 20.36 -1.15
CA ALA A 380 -17.61 21.22 -0.23
C ALA A 380 -18.21 22.62 -0.18
N ILE A 381 -18.50 23.18 -1.36
CA ILE A 381 -19.07 24.52 -1.44
C ILE A 381 -20.42 24.58 -0.74
N SER A 382 -21.24 23.54 -0.93
CA SER A 382 -22.54 23.48 -0.30
C SER A 382 -22.39 23.46 1.23
N ASN A 383 -21.42 22.70 1.73
CA ASN A 383 -21.17 22.62 3.17
C ASN A 383 -20.72 23.95 3.74
N ILE A 384 -19.90 24.66 2.98
CA ILE A 384 -19.40 25.95 3.45
C ILE A 384 -20.56 26.96 3.49
N PHE A 385 -21.43 26.91 2.48
CA PHE A 385 -22.60 27.77 2.49
C PHE A 385 -23.54 27.50 3.66
N GLN A 386 -23.63 26.23 4.07
CA GLN A 386 -24.49 25.86 5.20
C GLN A 386 -23.95 26.47 6.49
N ALA A 387 -22.63 26.53 6.61
CA ALA A 387 -22.01 27.21 7.74
C ALA A 387 -22.31 28.70 7.68
N ALA A 388 -22.23 29.26 6.47
CA ALA A 388 -22.49 30.67 6.26
C ALA A 388 -23.92 31.05 6.62
N GLU A 389 -24.85 30.13 6.35
CA GLU A 389 -26.26 30.34 6.70
C GLU A 389 -26.44 30.53 8.20
N LYS A 390 -25.74 29.73 8.99
CA LYS A 390 -25.85 29.77 10.45
C LYS A 390 -25.32 31.09 11.01
N LEU A 391 -24.37 31.70 10.31
CA LEU A 391 -23.84 32.99 10.72
C LEU A 391 -24.55 34.13 9.99
N GLY A 392 -25.44 33.77 9.07
CA GLY A 392 -26.16 34.75 8.26
C GLY A 392 -25.22 35.54 7.37
N GLU A 393 -24.21 34.87 6.82
CA GLU A 393 -23.19 35.56 6.04
C GLU A 393 -23.03 34.97 4.64
N THR A 394 -24.14 34.50 4.07
CA THR A 394 -24.10 33.87 2.76
C THR A 394 -23.74 34.87 1.67
N GLU A 395 -24.23 36.11 1.78
CA GLU A 395 -23.92 37.13 0.79
C GLU A 395 -22.42 37.40 0.73
N LYS A 396 -21.79 37.42 1.90
CA LYS A 396 -20.35 37.61 2.01
C LYS A 396 -19.60 36.53 1.22
N LEU A 397 -20.08 35.30 1.34
CA LEU A 397 -19.45 34.16 0.66
C LEU A 397 -19.73 34.21 -0.84
N SER A 398 -20.94 34.59 -1.21
CA SER A 398 -21.30 34.70 -2.62
C SER A 398 -20.41 35.70 -3.36
N ILE A 399 -20.14 36.81 -2.71
CA ILE A 399 -19.28 37.83 -3.30
C ILE A 399 -17.87 37.29 -3.51
N MET A 400 -17.34 36.61 -2.49
CA MET A 400 -16.02 36.00 -2.57
C MET A 400 -15.91 35.05 -3.76
N ILE A 401 -16.94 34.22 -3.93
CA ILE A 401 -16.97 33.24 -5.01
C ILE A 401 -17.12 33.91 -6.37
N GLU A 402 -17.95 34.94 -6.42
CA GLU A 402 -18.16 35.68 -7.67
C GLU A 402 -16.87 36.37 -8.10
N GLU A 403 -16.13 36.91 -7.13
CA GLU A 403 -14.96 37.73 -7.42
C GLU A 403 -13.76 36.96 -7.95
N CYS A 404 -13.64 35.68 -7.61
CA CYS A 404 -12.51 34.90 -8.09
C CYS A 404 -12.89 34.09 -9.34
N GLY A 405 -14.02 34.42 -9.94
CA GLY A 405 -14.45 33.78 -11.17
C GLY A 405 -15.19 32.47 -10.94
N GLY A 406 -15.48 32.17 -9.69
CA GLY A 406 -16.17 30.94 -9.33
C GLY A 406 -17.60 30.85 -9.82
N LEU A 407 -18.31 31.99 -9.84
CA LEU A 407 -19.70 31.98 -10.29
C LEU A 407 -19.81 31.60 -11.76
N ASP A 408 -18.86 32.09 -12.56
CA ASP A 408 -18.80 31.71 -13.97
C ASP A 408 -18.63 30.19 -14.11
N LYS A 409 -17.79 29.62 -13.25
CA LYS A 409 -17.56 28.18 -13.26
C LYS A 409 -18.83 27.40 -12.94
N ILE A 410 -19.51 27.80 -11.87
CA ILE A 410 -20.71 27.08 -11.44
C ILE A 410 -21.83 27.25 -12.45
N GLU A 411 -21.94 28.45 -13.01
CA GLU A 411 -22.96 28.73 -14.02
C GLU A 411 -22.81 27.80 -15.23
N ALA A 412 -21.57 27.54 -15.62
CA ALA A 412 -21.28 26.67 -16.75
C ALA A 412 -21.70 25.23 -16.45
N LEU A 413 -21.51 24.81 -15.20
CA LEU A 413 -21.78 23.43 -14.81
C LEU A 413 -23.27 23.08 -14.84
N GLN A 414 -24.12 24.09 -15.01
CA GLN A 414 -25.55 23.85 -15.17
C GLN A 414 -25.84 23.09 -16.46
N ARG A 415 -24.91 23.14 -17.40
CA ARG A 415 -25.05 22.45 -18.67
C ARG A 415 -24.09 21.26 -18.75
N HIS A 416 -23.67 20.77 -17.60
CA HIS A 416 -22.80 19.60 -17.53
C HIS A 416 -23.59 18.34 -17.85
N GLU A 417 -22.93 17.34 -18.42
CA GLU A 417 -23.59 16.08 -18.81
C GLU A 417 -24.14 15.30 -17.62
N ASN A 418 -23.33 15.20 -16.57
CA ASN A 418 -23.71 14.44 -15.37
C ASN A 418 -24.84 15.11 -14.60
N GLU A 419 -25.87 14.34 -14.27
CA GLU A 419 -27.08 14.87 -13.64
C GLU A 419 -26.83 15.45 -12.25
N SER A 420 -26.05 14.75 -11.44
CA SER A 420 -25.78 15.21 -10.07
C SER A 420 -25.06 16.56 -10.11
N VAL A 421 -24.20 16.74 -11.09
CA VAL A 421 -23.44 17.99 -11.21
C VAL A 421 -24.35 19.16 -11.59
N TYR A 422 -25.18 19.01 -12.63
CA TYR A 422 -25.94 20.18 -13.04
C TYR A 422 -27.09 20.45 -12.06
N LYS A 423 -27.56 19.42 -11.36
CA LYS A 423 -28.57 19.64 -10.33
C LYS A 423 -27.97 20.40 -9.14
N ALA A 424 -26.76 19.99 -8.73
CA ALA A 424 -26.07 20.63 -7.62
C ALA A 424 -25.72 22.09 -7.93
N SER A 425 -25.29 22.33 -9.17
CA SER A 425 -24.88 23.67 -9.57
C SER A 425 -26.09 24.59 -9.75
N LEU A 426 -27.17 24.04 -10.30
CA LEU A 426 -28.43 24.77 -10.41
C LEU A 426 -28.92 25.21 -9.03
N ASN A 427 -28.80 24.30 -8.07
CA ASN A 427 -29.24 24.54 -6.70
C ASN A 427 -28.48 25.68 -6.02
N LEU A 428 -27.15 25.68 -6.15
CA LEU A 428 -26.32 26.75 -5.59
C LEU A 428 -26.70 28.09 -6.17
N ILE A 429 -26.89 28.13 -7.48
CA ILE A 429 -27.20 29.37 -8.17
C ILE A 429 -28.57 29.89 -7.79
N GLU A 430 -29.55 28.99 -7.79
CA GLU A 430 -30.91 29.34 -7.41
C GLU A 430 -30.97 29.83 -5.96
N LYS A 431 -30.12 29.28 -5.12
CA LYS A 431 -30.20 29.54 -3.69
C LYS A 431 -29.32 30.70 -3.21
N TYR A 432 -28.18 30.91 -3.85
CA TYR A 432 -27.21 31.90 -3.35
C TYR A 432 -26.75 32.94 -4.38
N PHE A 433 -27.12 32.76 -5.65
CA PHE A 433 -26.64 33.66 -6.70
C PHE A 433 -27.77 34.20 -7.58
N GLU B 15 -30.15 10.46 11.51
CA GLU B 15 -29.83 10.35 10.08
C GLU B 15 -28.67 11.24 9.67
N SER B 16 -28.73 12.50 10.08
CA SER B 16 -27.70 13.48 9.74
C SER B 16 -26.32 12.99 10.15
N ALA B 17 -26.23 12.49 11.38
CA ALA B 17 -24.96 12.02 11.93
C ALA B 17 -24.39 10.88 11.10
N VAL B 18 -25.24 9.97 10.67
CA VAL B 18 -24.78 8.86 9.84
C VAL B 18 -24.32 9.37 8.47
N LEU B 19 -25.15 10.21 7.85
CA LEU B 19 -24.88 10.68 6.50
C LEU B 19 -23.66 11.59 6.40
N ARG B 20 -23.23 12.17 7.53
CA ARG B 20 -22.01 12.98 7.55
C ARG B 20 -20.79 12.16 7.11
N GLY B 21 -20.87 10.85 7.29
CA GLY B 21 -19.77 9.96 6.93
C GLY B 21 -19.77 9.56 5.47
N PHE B 22 -20.71 10.10 4.70
CA PHE B 22 -20.89 9.69 3.31
C PHE B 22 -20.99 10.90 2.38
N LEU B 23 -20.54 10.71 1.14
CA LEU B 23 -20.73 11.70 0.09
C LEU B 23 -21.89 11.25 -0.81
N ILE B 24 -22.91 12.09 -0.99
CA ILE B 24 -24.00 11.72 -1.87
C ILE B 24 -23.59 11.94 -3.32
N LEU B 25 -23.66 10.87 -4.12
CA LEU B 25 -23.18 10.88 -5.50
C LEU B 25 -24.28 11.19 -6.51
N GLY B 26 -25.54 10.95 -6.12
CA GLY B 26 -26.66 11.24 -6.99
C GLY B 26 -27.85 10.35 -6.73
N LYS B 27 -28.74 10.24 -7.71
CA LYS B 27 -29.95 9.44 -7.58
C LYS B 27 -29.66 7.95 -7.52
N GLU B 28 -30.66 7.16 -7.16
CA GLU B 28 -30.50 5.71 -7.03
C GLU B 28 -29.86 5.09 -8.28
N ASP B 29 -28.88 4.21 -8.06
CA ASP B 29 -28.20 3.52 -9.15
C ASP B 29 -28.31 2.02 -8.89
N ARG B 30 -29.17 1.35 -9.66
CA ARG B 30 -29.51 -0.04 -9.40
C ARG B 30 -28.33 -1.02 -9.50
N ARG B 31 -27.24 -0.60 -10.12
CA ARG B 31 -26.03 -1.43 -10.17
C ARG B 31 -25.48 -1.71 -8.77
N TYR B 32 -25.83 -0.86 -7.81
CA TYR B 32 -25.31 -1.00 -6.46
C TYR B 32 -26.30 -1.67 -5.51
N GLY B 33 -27.37 -2.24 -6.06
CA GLY B 33 -28.28 -3.08 -5.29
C GLY B 33 -29.42 -2.33 -4.64
N PRO B 34 -30.34 -3.07 -3.99
CA PRO B 34 -31.48 -2.50 -3.27
C PRO B 34 -31.05 -1.45 -2.26
N ALA B 35 -31.89 -0.43 -2.09
CA ALA B 35 -31.60 0.62 -1.13
C ALA B 35 -31.50 0.05 0.29
N LEU B 36 -30.50 0.54 1.02
CA LEU B 36 -30.35 0.25 2.44
C LEU B 36 -31.12 1.25 3.30
N SER B 37 -31.42 0.88 4.53
CA SER B 37 -31.90 1.85 5.51
C SER B 37 -30.69 2.64 6.00
N ILE B 38 -30.94 3.73 6.71
CA ILE B 38 -29.84 4.53 7.26
C ILE B 38 -29.05 3.68 8.25
N ASN B 39 -29.76 2.89 9.05
CA ASN B 39 -29.11 2.01 10.01
C ASN B 39 -28.21 0.98 9.34
N GLU B 40 -28.67 0.39 8.25
CA GLU B 40 -27.85 -0.54 7.48
C GLU B 40 -26.64 0.17 6.87
N LEU B 41 -26.84 1.40 6.43
CA LEU B 41 -25.77 2.18 5.82
C LEU B 41 -24.65 2.48 6.81
N SER B 42 -25.00 2.65 8.08
CA SER B 42 -24.02 3.03 9.10
C SER B 42 -22.95 1.95 9.28
N ASN B 43 -23.24 0.73 8.81
CA ASN B 43 -22.31 -0.37 8.90
C ASN B 43 -21.53 -0.62 7.60
N LEU B 44 -21.73 0.25 6.60
CA LEU B 44 -21.04 0.10 5.32
C LEU B 44 -19.53 0.23 5.50
N ALA B 45 -18.77 -0.59 4.76
CA ALA B 45 -17.32 -0.60 4.88
C ALA B 45 -16.68 0.55 4.11
N LYS B 46 -15.47 0.93 4.51
CA LYS B 46 -14.70 1.94 3.79
C LYS B 46 -14.56 1.58 2.32
N GLY B 47 -14.52 2.61 1.47
CA GLY B 47 -14.33 2.43 0.05
C GLY B 47 -15.53 1.91 -0.71
N GLU B 48 -16.66 1.77 -0.03
CA GLU B 48 -17.84 1.15 -0.63
C GLU B 48 -18.90 2.17 -1.07
N LYS B 49 -19.75 1.76 -2.00
CA LYS B 49 -20.92 2.54 -2.41
C LYS B 49 -22.21 1.77 -2.14
N ALA B 50 -23.31 2.50 -1.94
CA ALA B 50 -24.62 1.89 -1.76
C ALA B 50 -25.73 2.89 -1.98
N ASN B 51 -26.91 2.38 -2.32
CA ASN B 51 -28.11 3.20 -2.32
C ASN B 51 -28.68 3.25 -0.90
N VAL B 52 -29.20 4.40 -0.49
CA VAL B 52 -29.78 4.51 0.84
C VAL B 52 -31.10 5.28 0.79
N LEU B 53 -32.07 4.80 1.56
CA LEU B 53 -33.35 5.47 1.73
C LEU B 53 -33.21 6.55 2.81
N ILE B 54 -33.35 7.81 2.43
CA ILE B 54 -33.16 8.89 3.39
C ILE B 54 -34.49 9.56 3.71
N GLY B 55 -34.55 10.17 4.89
CA GLY B 55 -35.78 10.77 5.37
C GLY B 55 -36.18 12.04 4.61
N GLN B 56 -37.32 11.99 3.94
CA GLN B 56 -38.15 10.79 3.88
C GLN B 56 -38.56 10.46 2.45
N GLY B 57 -38.39 9.20 2.07
CA GLY B 57 -38.91 8.72 0.79
C GLY B 57 -37.91 8.59 -0.35
N ASP B 58 -36.91 9.45 -0.38
CA ASP B 58 -35.95 9.47 -1.50
C ASP B 58 -34.81 8.48 -1.34
N VAL B 59 -34.41 7.88 -2.46
CA VAL B 59 -33.23 7.02 -2.46
C VAL B 59 -32.08 7.71 -3.19
N VAL B 60 -30.90 7.68 -2.58
CA VAL B 60 -29.72 8.28 -3.21
C VAL B 60 -28.53 7.33 -3.15
N LEU B 61 -27.62 7.49 -4.10
CA LEU B 61 -26.38 6.72 -4.12
C LEU B 61 -25.34 7.46 -3.31
N VAL B 62 -24.69 6.77 -2.39
CA VAL B 62 -23.66 7.39 -1.55
C VAL B 62 -22.38 6.58 -1.56
N MET B 63 -21.27 7.23 -1.20
CA MET B 63 -20.03 6.51 -0.96
C MET B 63 -19.42 6.94 0.37
N LYS B 64 -18.77 6.00 1.05
CA LYS B 64 -18.17 6.30 2.35
C LYS B 64 -16.97 7.25 2.22
N ARG B 65 -16.83 8.18 3.15
CA ARG B 65 -15.78 9.21 3.06
C ARG B 65 -14.37 8.70 3.44
N LYS B 66 -14.32 7.67 4.27
CA LYS B 66 -13.06 6.93 4.50
C LYS B 66 -12.78 6.10 3.25
N ARG B 67 -11.67 6.39 2.57
CA ARG B 67 -11.35 5.73 1.30
C ARG B 67 -10.04 4.94 1.35
N ASP B 68 -10.10 3.70 0.84
CA ASP B 68 -8.97 2.77 0.82
C ASP B 68 -7.82 3.07 -0.13
N SER B 69 -6.77 2.27 -0.01
CA SER B 69 -5.49 2.46 -0.71
C SER B 69 -5.58 2.52 -2.23
N SER B 70 -4.77 3.41 -2.80
CA SER B 70 -4.62 3.53 -4.24
C SER B 70 -3.80 2.37 -4.78
N ILE B 71 -2.97 1.79 -3.90
CA ILE B 71 -2.04 0.72 -4.25
C ILE B 71 -1.19 1.12 -5.45
N LEU B 72 -0.44 2.21 -5.29
CA LEU B 72 0.38 2.77 -6.36
C LEU B 72 1.52 1.84 -6.75
N THR B 73 1.33 1.12 -7.86
CA THR B 73 2.29 0.13 -8.33
C THR B 73 3.64 0.74 -8.65
N ASP B 74 3.63 2.03 -9.01
CA ASP B 74 4.85 2.75 -9.35
C ASP B 74 5.81 2.82 -8.17
N SER B 75 5.25 2.97 -6.97
CA SER B 75 6.07 3.12 -5.76
C SER B 75 6.32 1.80 -5.05
N GLN B 76 5.61 0.75 -5.46
CA GLN B 76 5.84 -0.59 -4.93
C GLN B 76 7.24 -1.07 -5.27
N THR B 77 7.78 -1.96 -4.45
CA THR B 77 9.05 -2.58 -4.75
C THR B 77 8.82 -3.86 -5.53
N ALA B 78 9.89 -4.45 -6.04
CA ALA B 78 9.78 -5.66 -6.85
C ALA B 78 9.26 -6.83 -6.01
N THR B 79 8.40 -7.65 -6.61
CA THR B 79 7.90 -8.83 -5.92
C THR B 79 8.95 -9.94 -5.86
N LYS B 80 9.88 -9.90 -6.80
CA LYS B 80 10.90 -10.94 -6.92
C LYS B 80 12.27 -10.31 -7.17
N ARG B 81 13.33 -11.04 -6.80
CA ARG B 81 14.70 -10.56 -6.95
CA ARG B 81 14.70 -10.57 -6.92
C ARG B 81 15.58 -11.63 -7.55
N ILE B 82 16.27 -11.28 -8.62
CA ILE B 82 17.25 -12.20 -9.22
C ILE B 82 18.60 -11.97 -8.53
N ARG B 83 19.38 -13.04 -8.31
CA ARG B 83 20.73 -12.86 -7.78
C ARG B 83 21.73 -12.80 -8.93
N MET B 84 22.24 -11.59 -9.19
CA MET B 84 23.21 -11.40 -10.26
C MET B 84 24.61 -11.65 -9.76
N ALA B 85 25.49 -12.00 -10.70
CA ALA B 85 26.91 -12.10 -10.43
C ALA B 85 27.44 -10.76 -9.95
N ILE B 86 28.45 -10.80 -9.10
CA ILE B 86 28.99 -9.58 -8.50
C ILE B 86 30.19 -9.07 -9.29
#